data_7LW4
#
_entry.id   7LW4
#
_cell.length_a   184.589
_cell.length_b   184.589
_cell.length_c   56.961
_cell.angle_alpha   90.000
_cell.angle_beta   90.000
_cell.angle_gamma   120.000
#
_symmetry.space_group_name_H-M   'P 31 2 1'
#
loop_
_entity.id
_entity.type
_entity.pdbx_description
1 polymer "2'-O-methyltransferase"
2 polymer 'Non-structural protein 10'
3 non-polymer '2-(N-MORPHOLINO)-ETHANESULFONIC ACID'
4 non-polymer 'ACETATE ION'
5 non-polymer 1,2-ETHANEDIOL
6 non-polymer S-ADENOSYL-L-HOMOCYSTEINE
7 non-polymer 'ZINC ION'
8 water water
#
loop_
_entity_poly.entity_id
_entity_poly.type
_entity_poly.pdbx_seq_one_letter_code
_entity_poly.pdbx_strand_id
1 'polypeptide(L)'
;SSQAWQPGVAMPNLYKMQRMLLEKCDLQNYGDSATLPKGIMMNVAKYTQLCQYLNTLTLAVPYNMRVIHFGAGSDKGVAP
GTAVLRQWLPTGTLLVDSDLNDFVSDADSTLIGDCATVHTANKWDLIISDMYDPKTKKVTKENDSKEGFFTYICGFIQQK
LALGGSVAIKITEHSWNADLYKLMGHFAWWTAFVTNVNASSSEAFLIGCNYLGKPREQIDGYVMHANYIFWRNTNPIQLS
SYSLFDMSKFPLKLRGTAVMSLKEGQINDMILSLLSKGRLIIRENNRVVISSDVLVNN
;
A
2 'polypeptide(L)'
;AGNATEVPANSTVLSFCAFAVDAAKAYKDYLASGGQPITNCVKMLCTHTGTGQAITVTPEANMDQESFGGASCCLYCRCH
IDHPNPKGFCDLKGKYVQIPTTCANDPVGFTLKNTVCTVCGMWKGYGCSCDQLREPMLQ
;
B
#
loop_
_chem_comp.id
_chem_comp.type
_chem_comp.name
_chem_comp.formula
ACT non-polymer 'ACETATE ION' 'C2 H3 O2 -1'
EDO non-polymer 1,2-ETHANEDIOL 'C2 H6 O2'
MES non-polymer '2-(N-MORPHOLINO)-ETHANESULFONIC ACID' 'C6 H13 N O4 S'
ZN non-polymer 'ZINC ION' 'Zn 2'
#
# COMPACT_ATOMS: atom_id res chain seq x y z
N SER A 1 -14.68 -23.25 -10.30
CA SER A 1 -15.25 -24.24 -9.33
C SER A 1 -14.74 -23.94 -7.92
N SER A 2 -13.47 -24.26 -7.69
CA SER A 2 -12.75 -23.96 -6.45
C SER A 2 -12.20 -22.52 -6.38
N GLN A 3 -12.66 -21.63 -7.30
CA GLN A 3 -12.21 -20.23 -7.35
C GLN A 3 -12.57 -19.42 -6.11
N ALA A 4 -13.66 -19.76 -5.39
CA ALA A 4 -14.10 -18.98 -4.24
C ALA A 4 -13.18 -19.09 -3.00
N TRP A 5 -12.24 -20.07 -2.98
CA TRP A 5 -11.28 -20.21 -1.89
C TRP A 5 -9.88 -19.61 -2.19
N GLN A 6 -9.68 -18.93 -3.35
CA GLN A 6 -8.48 -18.14 -3.63
C GLN A 6 -8.60 -16.66 -3.19
N PRO A 7 -7.54 -15.84 -3.33
CA PRO A 7 -7.71 -14.38 -3.08
C PRO A 7 -8.20 -13.54 -4.28
N GLY A 8 -8.23 -14.08 -5.52
CA GLY A 8 -8.70 -13.34 -6.73
C GLY A 8 -8.54 -14.15 -8.04
N VAL A 9 -8.68 -13.46 -9.23
CA VAL A 9 -8.63 -14.10 -10.59
C VAL A 9 -7.82 -13.28 -11.63
N ALA A 10 -6.87 -13.96 -12.37
CA ALA A 10 -6.05 -13.39 -13.46
C ALA A 10 -6.43 -13.77 -14.93
N MET A 11 -6.18 -12.79 -15.90
CA MET A 11 -6.50 -12.91 -17.37
C MET A 11 -5.81 -14.05 -18.14
N PRO A 12 -6.56 -15.04 -18.68
CA PRO A 12 -5.91 -16.17 -19.40
C PRO A 12 -5.25 -15.88 -20.78
N ASN A 13 -4.16 -16.65 -21.08
CA ASN A 13 -3.22 -16.36 -22.19
C ASN A 13 -3.90 -16.32 -23.60
N LEU A 14 -4.93 -17.15 -23.86
CA LEU A 14 -5.56 -17.16 -25.21
C LEU A 14 -6.42 -15.92 -25.53
N TYR A 15 -6.96 -15.17 -24.51
CA TYR A 15 -7.64 -13.87 -24.75
C TYR A 15 -6.65 -12.74 -25.16
N LYS A 16 -5.38 -12.79 -24.70
CA LYS A 16 -4.36 -11.81 -25.13
C LYS A 16 -4.00 -11.87 -26.65
N MET A 17 -4.24 -13.02 -27.36
CA MET A 17 -3.81 -13.25 -28.76
C MET A 17 -4.84 -12.90 -29.87
N GLN A 18 -6.03 -12.28 -29.56
CA GLN A 18 -7.09 -11.97 -30.55
C GLN A 18 -6.93 -10.56 -31.21
N ARG A 19 -7.98 -10.10 -32.07
CA ARG A 19 -8.12 -8.71 -32.68
C ARG A 19 -9.52 -8.10 -32.76
N MET A 20 -10.01 -7.62 -31.60
CA MET A 20 -11.39 -7.15 -31.41
C MET A 20 -11.49 -5.60 -31.54
N LEU A 21 -12.75 -5.10 -31.69
CA LEU A 21 -13.12 -3.66 -31.64
C LEU A 21 -13.85 -3.27 -30.33
N LEU A 22 -13.79 -1.95 -29.97
CA LEU A 22 -14.20 -1.45 -28.62
C LEU A 22 -15.72 -1.25 -28.44
N GLU A 23 -16.27 -1.64 -27.25
CA GLU A 23 -17.71 -1.49 -26.93
C GLU A 23 -17.93 -0.95 -25.49
N LYS A 24 -19.20 -0.69 -25.12
CA LYS A 24 -19.59 -0.32 -23.74
C LYS A 24 -19.60 -1.53 -22.78
N CYS A 25 -19.22 -1.29 -21.46
CA CYS A 25 -19.18 -2.33 -20.41
C CYS A 25 -20.50 -2.45 -19.64
N ASP A 26 -21.01 -3.70 -19.48
CA ASP A 26 -22.31 -4.01 -18.83
C ASP A 26 -22.30 -5.33 -18.04
N LEU A 27 -22.26 -5.25 -16.68
CA LEU A 27 -22.02 -6.42 -15.82
C LEU A 27 -23.27 -7.00 -15.13
N GLN A 28 -23.30 -8.34 -15.02
CA GLN A 28 -24.48 -9.10 -14.52
C GLN A 28 -24.75 -8.88 -13.03
N ASN A 29 -23.71 -8.87 -12.18
CA ASN A 29 -23.80 -8.37 -10.79
C ASN A 29 -23.87 -6.82 -10.85
N TYR A 30 -23.68 -6.16 -9.71
CA TYR A 30 -23.67 -4.68 -9.67
C TYR A 30 -24.79 -4.18 -8.77
N GLY A 31 -24.45 -3.81 -7.55
CA GLY A 31 -25.42 -3.67 -6.49
C GLY A 31 -25.51 -4.87 -5.57
N ASP A 32 -24.63 -5.87 -5.73
CA ASP A 32 -24.37 -6.89 -4.73
C ASP A 32 -23.17 -6.43 -3.87
N SER A 33 -23.06 -6.98 -2.66
CA SER A 33 -21.94 -6.69 -1.75
C SER A 33 -21.62 -7.90 -0.87
N ALA A 34 -20.35 -7.98 -0.42
CA ALA A 34 -19.86 -9.04 0.45
C ALA A 34 -20.04 -8.69 1.94
N THR A 35 -19.94 -9.71 2.80
CA THR A 35 -20.14 -9.52 4.24
C THR A 35 -18.79 -9.48 4.97
N LEU A 36 -18.43 -8.30 5.59
CA LEU A 36 -17.13 -8.12 6.25
C LEU A 36 -17.14 -8.55 7.73
N PRO A 37 -15.98 -9.00 8.27
CA PRO A 37 -15.88 -9.28 9.71
C PRO A 37 -16.04 -8.03 10.58
N LYS A 38 -16.49 -8.26 11.83
CA LYS A 38 -16.85 -7.20 12.78
C LYS A 38 -15.82 -6.10 13.05
N GLY A 39 -16.13 -4.85 12.63
CA GLY A 39 -15.31 -3.63 12.79
C GLY A 39 -14.19 -3.33 11.79
N ILE A 40 -14.08 -4.08 10.60
CA ILE A 40 -12.98 -3.91 9.64
C ILE A 40 -13.40 -3.01 8.45
N MET A 41 -12.51 -2.05 8.03
CA MET A 41 -12.73 -1.13 6.88
C MET A 41 -12.46 -1.79 5.47
N MET A 42 -13.15 -1.28 4.41
CA MET A 42 -13.02 -1.84 3.02
C MET A 42 -11.59 -1.74 2.43
N ASN A 43 -10.86 -0.64 2.68
CA ASN A 43 -9.49 -0.54 2.11
C ASN A 43 -8.40 -1.32 2.89
N VAL A 44 -8.59 -1.73 4.17
CA VAL A 44 -7.65 -2.71 4.80
C VAL A 44 -7.77 -4.13 4.15
N ALA A 45 -9.00 -4.60 3.89
CA ALA A 45 -9.20 -5.92 3.25
C ALA A 45 -8.70 -6.00 1.77
N LYS A 46 -8.80 -4.90 1.00
CA LYS A 46 -8.33 -4.85 -0.42
C LYS A 46 -6.80 -4.96 -0.56
N TYR A 47 -6.03 -4.16 0.22
CA TYR A 47 -4.53 -4.28 0.22
C TYR A 47 -4.00 -5.64 0.79
N THR A 48 -4.70 -6.31 1.74
CA THR A 48 -4.26 -7.66 2.23
C THR A 48 -4.33 -8.76 1.11
N GLN A 49 -5.43 -8.81 0.25
CA GLN A 49 -5.53 -9.80 -0.87
C GLN A 49 -4.49 -9.55 -2.03
N LEU A 50 -4.08 -8.27 -2.31
CA LEU A 50 -2.99 -8.01 -3.31
C LEU A 50 -1.60 -8.54 -2.86
N CYS A 51 -1.19 -8.37 -1.58
CA CYS A 51 0.12 -8.90 -1.09
C CYS A 51 0.17 -10.45 -1.06
N GLN A 52 -0.95 -11.16 -0.71
CA GLN A 52 -1.06 -12.65 -0.78
C GLN A 52 -0.89 -13.23 -2.22
N TYR A 53 -1.29 -12.51 -3.31
CA TYR A 53 -1.02 -12.99 -4.70
C TYR A 53 0.46 -12.75 -5.14
N LEU A 54 1.09 -11.62 -4.73
CA LEU A 54 2.50 -11.38 -5.06
C LEU A 54 3.46 -12.41 -4.43
N ASN A 55 3.09 -13.07 -3.30
CA ASN A 55 3.91 -14.17 -2.73
C ASN A 55 4.07 -15.44 -3.67
N THR A 56 3.33 -15.56 -4.81
CA THR A 56 3.47 -16.71 -5.72
C THR A 56 4.38 -16.47 -6.97
N LEU A 57 5.07 -15.30 -7.10
CA LEU A 57 5.95 -14.96 -8.25
C LEU A 57 7.44 -14.91 -7.85
N THR A 58 8.34 -14.59 -8.82
CA THR A 58 9.82 -14.60 -8.61
C THR A 58 10.49 -13.21 -8.40
N LEU A 59 10.19 -12.55 -7.26
CA LEU A 59 10.81 -11.25 -6.93
C LEU A 59 12.20 -11.33 -6.23
N ALA A 60 13.04 -10.29 -6.48
CA ALA A 60 14.33 -10.11 -5.81
C ALA A 60 14.25 -9.34 -4.48
N VAL A 61 14.96 -9.83 -3.43
CA VAL A 61 14.92 -9.29 -2.05
C VAL A 61 16.30 -9.13 -1.39
N PRO A 62 16.96 -7.97 -1.45
CA PRO A 62 18.28 -7.82 -0.84
C PRO A 62 18.35 -7.26 0.59
N TYR A 63 19.59 -7.34 1.17
CA TYR A 63 19.93 -6.57 2.39
C TYR A 63 19.84 -5.05 2.14
N ASN A 64 19.09 -4.35 2.97
CA ASN A 64 18.80 -2.89 2.83
C ASN A 64 17.98 -2.47 1.59
N MET A 65 16.72 -2.99 1.43
CA MET A 65 15.82 -2.58 0.32
C MET A 65 15.38 -1.10 0.43
N ARG A 66 14.80 -0.55 -0.69
CA ARG A 66 14.21 0.80 -0.84
C ARG A 66 12.88 0.79 -1.62
N VAL A 67 11.78 1.40 -1.07
CA VAL A 67 10.40 1.39 -1.62
C VAL A 67 9.79 2.83 -1.60
N ILE A 68 9.04 3.25 -2.70
CA ILE A 68 8.24 4.50 -2.72
C ILE A 68 6.76 4.36 -3.17
N HIS A 69 5.79 5.20 -2.58
CA HIS A 69 4.29 5.06 -2.66
C HIS A 69 3.53 6.40 -2.95
N PHE A 70 2.89 6.54 -4.17
CA PHE A 70 2.12 7.74 -4.62
C PHE A 70 0.56 7.60 -4.45
N GLY A 71 -0.13 8.72 -4.20
CA GLY A 71 -1.59 8.72 -3.88
C GLY A 71 -2.06 8.05 -2.57
N ALA A 72 -1.46 8.43 -1.40
CA ALA A 72 -1.63 7.70 -0.13
C ALA A 72 -2.54 8.36 0.95
N GLY A 73 -3.04 9.61 0.79
CA GLY A 73 -4.00 10.22 1.75
C GLY A 73 -5.51 9.83 1.54
N SER A 74 -6.40 10.35 2.40
CA SER A 74 -7.84 10.05 2.32
C SER A 74 -8.72 11.19 2.88
N ASP A 75 -10.05 11.07 2.66
CA ASP A 75 -11.01 12.07 3.14
C ASP A 75 -11.27 12.00 4.65
N LYS A 76 -10.58 11.11 5.38
CA LYS A 76 -10.67 11.05 6.83
C LYS A 76 -9.49 11.70 7.56
N GLY A 77 -8.39 12.04 6.86
CA GLY A 77 -7.17 12.59 7.45
C GLY A 77 -6.07 11.60 7.91
N VAL A 78 -6.21 10.27 7.66
CA VAL A 78 -5.20 9.25 8.00
C VAL A 78 -4.77 8.37 6.77
N ALA A 79 -3.97 7.30 6.97
CA ALA A 79 -3.44 6.47 5.86
C ALA A 79 -3.44 4.93 6.03
N PRO A 80 -4.54 4.26 5.65
CA PRO A 80 -4.64 2.78 5.92
C PRO A 80 -3.75 1.82 5.08
N GLY A 81 -3.56 2.05 3.75
CA GLY A 81 -2.66 1.19 2.95
C GLY A 81 -1.16 1.21 3.34
N THR A 82 -0.63 2.37 3.83
CA THR A 82 0.75 2.44 4.36
C THR A 82 0.97 1.53 5.61
N ALA A 83 -0.04 1.37 6.49
CA ALA A 83 0.14 0.48 7.68
C ALA A 83 0.15 -1.04 7.37
N VAL A 84 -0.55 -1.50 6.31
CA VAL A 84 -0.45 -2.90 5.80
C VAL A 84 0.91 -3.17 5.10
N LEU A 85 1.46 -2.23 4.31
CA LEU A 85 2.79 -2.44 3.67
C LEU A 85 3.96 -2.60 4.68
N ARG A 86 3.94 -1.86 5.82
CA ARG A 86 5.00 -2.01 6.87
C ARG A 86 4.90 -3.29 7.72
N GLN A 87 3.71 -3.91 7.86
CA GLN A 87 3.54 -5.26 8.47
C GLN A 87 4.14 -6.38 7.57
N TRP A 88 4.03 -6.26 6.20
CA TRP A 88 4.48 -7.30 5.22
C TRP A 88 6.01 -7.39 5.05
N LEU A 89 6.76 -6.21 4.97
CA LEU A 89 8.20 -6.17 4.60
C LEU A 89 9.19 -6.46 5.76
N PRO A 90 10.44 -6.89 5.46
CA PRO A 90 11.40 -7.15 6.56
C PRO A 90 11.82 -5.91 7.40
N THR A 91 12.18 -6.20 8.66
CA THR A 91 12.65 -5.19 9.62
C THR A 91 14.01 -4.59 9.22
N GLY A 92 14.08 -3.24 9.20
CA GLY A 92 15.21 -2.51 8.65
C GLY A 92 14.97 -1.80 7.31
N THR A 93 13.89 -2.15 6.56
CA THR A 93 13.62 -1.57 5.23
C THR A 93 13.21 -0.07 5.33
N LEU A 94 13.75 0.79 4.41
CA LEU A 94 13.36 2.22 4.29
C LEU A 94 12.18 2.52 3.32
N LEU A 95 11.19 3.35 3.78
CA LEU A 95 9.91 3.67 3.07
C LEU A 95 9.54 5.17 3.10
N VAL A 96 9.17 5.77 1.91
CA VAL A 96 8.78 7.19 1.68
C VAL A 96 7.40 7.29 0.98
N ASP A 97 6.51 8.31 1.37
CA ASP A 97 5.14 8.51 0.73
C ASP A 97 4.67 9.99 0.46
N SER A 98 3.55 10.19 -0.33
CA SER A 98 3.10 11.51 -0.89
C SER A 98 1.61 11.64 -1.34
N ASP A 99 1.08 12.93 -1.34
CA ASP A 99 -0.28 13.29 -1.83
C ASP A 99 -0.46 14.81 -2.11
N LEU A 100 -1.58 15.16 -2.80
CA LEU A 100 -1.91 16.59 -3.03
C LEU A 100 -2.57 17.35 -1.85
N ASN A 101 -3.33 16.68 -0.93
CA ASN A 101 -3.82 17.30 0.31
C ASN A 101 -3.20 16.71 1.62
N ASP A 102 -3.17 17.55 2.71
CA ASP A 102 -2.49 17.23 4.01
C ASP A 102 -3.11 16.05 4.81
N PHE A 103 -2.25 15.23 5.52
CA PHE A 103 -2.60 13.99 6.27
C PHE A 103 -1.49 13.55 7.29
N VAL A 104 -1.77 12.51 8.16
CA VAL A 104 -0.89 11.94 9.22
C VAL A 104 -0.53 10.45 9.05
N SER A 105 0.77 10.05 9.34
CA SER A 105 1.32 8.76 8.84
C SER A 105 2.44 8.06 9.64
N ASP A 106 2.64 6.73 9.37
CA ASP A 106 3.65 5.86 10.01
C ASP A 106 5.00 5.64 9.20
N ALA A 107 5.21 6.32 8.06
CA ALA A 107 6.44 6.16 7.23
C ALA A 107 7.71 6.92 7.78
N ASP A 108 8.92 6.55 7.29
CA ASP A 108 10.13 7.28 7.74
C ASP A 108 10.19 8.77 7.26
N SER A 109 9.55 9.20 6.14
CA SER A 109 9.52 10.61 5.66
C SER A 109 8.39 10.93 4.65
N THR A 110 7.81 12.20 4.64
CA THR A 110 6.58 12.57 3.88
C THR A 110 6.55 13.96 3.18
N LEU A 111 6.04 14.07 1.89
CA LEU A 111 5.96 15.34 1.12
C LEU A 111 4.56 15.68 0.50
N ILE A 112 4.20 16.99 0.49
CA ILE A 112 2.84 17.52 0.19
C ILE A 112 2.84 18.49 -1.03
N GLY A 113 2.01 18.18 -2.10
CA GLY A 113 1.91 18.93 -3.37
C GLY A 113 1.56 18.05 -4.60
N ASP A 114 1.44 18.72 -5.80
CA ASP A 114 1.24 18.03 -7.12
C ASP A 114 2.48 17.23 -7.54
N CYS A 115 2.26 16.03 -8.16
CA CYS A 115 3.37 15.05 -8.33
C CYS A 115 4.53 15.57 -9.22
N ALA A 116 4.26 16.50 -10.16
CA ALA A 116 5.30 17.09 -11.02
C ALA A 116 6.32 18.04 -10.32
N THR A 117 6.13 18.46 -9.06
CA THR A 117 7.20 19.17 -8.33
C THR A 117 8.24 18.27 -7.55
N VAL A 118 8.21 16.92 -7.64
CA VAL A 118 9.06 15.99 -6.83
C VAL A 118 10.32 15.54 -7.62
N HIS A 119 11.55 15.65 -6.96
CA HIS A 119 12.85 15.17 -7.47
C HIS A 119 13.71 14.33 -6.49
N THR A 120 14.45 13.30 -6.99
CA THR A 120 15.35 12.50 -6.16
C THR A 120 16.70 12.23 -6.85
N ALA A 121 17.67 11.79 -6.06
CA ALA A 121 19.07 11.66 -6.51
C ALA A 121 19.55 10.21 -6.75
N ASN A 122 18.97 9.18 -6.09
CA ASN A 122 19.31 7.75 -6.19
C ASN A 122 18.23 6.94 -6.96
N LYS A 123 18.41 5.59 -7.03
CA LYS A 123 17.45 4.64 -7.69
C LYS A 123 16.75 3.69 -6.72
N TRP A 124 15.64 2.98 -7.22
CA TRP A 124 14.70 2.21 -6.35
C TRP A 124 14.49 0.73 -6.79
N ASP A 125 14.11 -0.15 -5.81
CA ASP A 125 13.86 -1.60 -6.08
C ASP A 125 12.35 -2.01 -6.32
N LEU A 126 11.33 -1.19 -5.95
CA LEU A 126 9.88 -1.45 -6.13
C LEU A 126 9.05 -0.13 -6.09
N ILE A 127 8.00 -0.01 -6.96
CA ILE A 127 7.10 1.18 -7.09
C ILE A 127 5.58 0.85 -7.15
N ILE A 128 4.74 1.52 -6.25
CA ILE A 128 3.26 1.35 -6.10
C ILE A 128 2.45 2.68 -6.29
N SER A 129 1.29 2.68 -7.03
CA SER A 129 0.40 3.89 -7.20
C SER A 129 -1.13 3.65 -7.15
N ASP A 130 -1.92 4.49 -6.39
CA ASP A 130 -3.42 4.45 -6.36
C ASP A 130 -4.13 5.78 -6.76
N MET A 131 -3.47 6.71 -7.49
CA MET A 131 -4.11 7.99 -7.87
C MET A 131 -5.33 7.80 -8.77
N TYR A 132 -6.34 8.74 -8.64
CA TYR A 132 -7.67 8.73 -9.33
C TYR A 132 -8.45 10.10 -9.29
N ASP A 133 -9.18 10.46 -10.40
CA ASP A 133 -10.08 11.66 -10.44
C ASP A 133 -11.50 11.33 -10.91
N PRO A 134 -12.56 11.71 -10.16
CA PRO A 134 -13.93 11.20 -10.49
C PRO A 134 -14.70 11.95 -11.60
N LYS A 135 -14.28 13.16 -11.99
CA LYS A 135 -14.85 13.83 -13.14
C LYS A 135 -14.56 13.13 -14.50
N THR A 136 -13.89 11.93 -14.53
CA THR A 136 -13.60 11.27 -15.80
C THR A 136 -14.78 10.47 -16.37
N LYS A 137 -15.72 10.01 -15.52
CA LYS A 137 -16.77 9.09 -15.97
C LYS A 137 -17.98 9.85 -16.54
N LYS A 138 -18.13 9.84 -17.88
CA LYS A 138 -19.28 10.47 -18.55
C LYS A 138 -19.75 9.63 -19.75
N VAL A 139 -21.04 9.30 -19.80
CA VAL A 139 -21.55 8.33 -20.77
C VAL A 139 -22.16 9.02 -22.01
N THR A 140 -21.89 10.32 -22.21
CA THR A 140 -22.50 11.16 -23.24
C THR A 140 -21.58 11.59 -24.39
N LYS A 141 -20.29 11.30 -24.32
CA LYS A 141 -19.34 11.60 -25.39
C LYS A 141 -18.39 10.42 -25.57
N GLU A 142 -17.60 10.44 -26.64
CA GLU A 142 -16.71 9.34 -27.00
C GLU A 142 -15.54 9.12 -26.01
N ASN A 143 -15.01 7.84 -25.96
CA ASN A 143 -14.00 7.37 -24.96
C ASN A 143 -12.59 7.27 -25.58
N ASP A 144 -11.78 8.32 -25.39
CA ASP A 144 -10.40 8.44 -25.89
C ASP A 144 -9.30 8.28 -24.79
N SER A 145 -8.06 8.01 -25.25
CA SER A 145 -6.87 7.90 -24.38
C SER A 145 -6.55 9.20 -23.63
N LYS A 146 -6.09 9.11 -22.35
CA LYS A 146 -5.90 10.28 -21.47
C LYS A 146 -4.44 10.62 -21.12
N GLU A 147 -4.18 11.92 -20.81
CA GLU A 147 -2.82 12.37 -20.44
C GLU A 147 -2.60 12.66 -18.92
N GLY A 148 -2.36 13.95 -18.53
CA GLY A 148 -2.33 14.35 -17.08
C GLY A 148 -1.19 13.74 -16.26
N PHE A 149 -1.53 13.10 -15.11
CA PHE A 149 -0.52 12.40 -14.28
C PHE A 149 0.08 11.12 -14.95
N PHE A 150 -0.59 10.47 -15.93
CA PHE A 150 0.01 9.35 -16.68
C PHE A 150 1.28 9.75 -17.49
N THR A 151 1.38 11.02 -17.96
CA THR A 151 2.60 11.46 -18.68
C THR A 151 3.86 11.50 -17.76
N TYR A 152 3.72 11.92 -16.48
CA TYR A 152 4.85 11.92 -15.51
C TYR A 152 5.34 10.49 -15.19
N ILE A 153 4.40 9.52 -15.03
CA ILE A 153 4.72 8.14 -14.61
C ILE A 153 5.59 7.39 -15.66
N CYS A 154 5.24 7.47 -16.97
CA CYS A 154 6.06 6.79 -18.01
C CYS A 154 7.55 7.28 -18.00
N GLY A 155 7.79 8.58 -17.74
CA GLY A 155 9.18 9.11 -17.69
C GLY A 155 9.99 8.76 -16.42
N PHE A 156 9.34 8.73 -15.22
CA PHE A 156 10.03 8.28 -13.97
C PHE A 156 10.57 6.83 -14.08
N ILE A 157 9.83 5.92 -14.68
CA ILE A 157 10.28 4.51 -14.80
C ILE A 157 11.55 4.37 -15.68
N GLN A 158 11.55 4.95 -16.90
CA GLN A 158 12.71 4.79 -17.77
C GLN A 158 13.98 5.46 -17.23
N GLN A 159 13.89 6.43 -16.28
CA GLN A 159 15.09 7.12 -15.75
C GLN A 159 15.61 6.68 -14.36
N LYS A 160 14.74 6.18 -13.44
CA LYS A 160 15.11 5.89 -12.05
C LYS A 160 14.77 4.48 -11.50
N LEU A 161 14.37 3.48 -12.34
CA LEU A 161 14.22 2.08 -11.88
C LEU A 161 15.45 1.22 -12.21
N ALA A 162 15.91 0.42 -11.25
CA ALA A 162 17.06 -0.49 -11.44
C ALA A 162 16.75 -1.76 -12.28
N LEU A 163 17.81 -2.26 -12.98
CA LEU A 163 17.67 -3.52 -13.72
C LEU A 163 17.47 -4.72 -12.79
N GLY A 164 16.39 -5.49 -13.03
CA GLY A 164 15.93 -6.55 -12.13
C GLY A 164 14.69 -6.25 -11.27
N GLY A 165 14.27 -4.96 -11.10
CA GLY A 165 13.11 -4.58 -10.27
C GLY A 165 11.69 -4.78 -10.90
N SER A 166 10.61 -4.41 -10.12
CA SER A 166 9.17 -4.63 -10.48
C SER A 166 8.19 -3.46 -10.15
N VAL A 167 6.91 -3.47 -10.78
CA VAL A 167 5.85 -2.45 -10.56
C VAL A 167 4.37 -2.96 -10.44
N ALA A 168 3.45 -2.08 -9.87
CA ALA A 168 1.96 -2.24 -9.91
C ALA A 168 1.08 -0.95 -9.84
N ILE A 169 0.21 -0.68 -10.86
CA ILE A 169 -0.42 0.63 -11.19
C ILE A 169 -1.95 0.47 -11.49
N LYS A 170 -2.83 1.28 -10.84
CA LYS A 170 -4.30 1.10 -10.96
C LYS A 170 -5.08 1.80 -12.12
N ILE A 171 -6.10 1.09 -12.75
CA ILE A 171 -6.94 1.58 -13.88
C ILE A 171 -8.45 1.20 -13.77
N THR A 172 -9.32 1.79 -14.68
CA THR A 172 -10.80 1.52 -14.86
C THR A 172 -11.29 1.59 -16.37
N GLU A 173 -12.65 1.54 -16.63
CA GLU A 173 -13.19 1.63 -18.01
C GLU A 173 -12.80 2.95 -18.73
N HIS A 174 -12.94 4.12 -18.05
CA HIS A 174 -12.70 5.46 -18.61
C HIS A 174 -11.32 6.12 -18.23
N SER A 175 -10.57 5.59 -17.18
CA SER A 175 -9.22 6.08 -16.76
C SER A 175 -8.07 5.14 -17.17
N TRP A 176 -7.39 5.43 -18.32
CA TRP A 176 -6.39 4.55 -19.01
C TRP A 176 -5.51 5.34 -20.03
N ASN A 177 -4.40 4.70 -20.55
CA ASN A 177 -3.39 5.32 -21.45
C ASN A 177 -2.69 4.29 -22.38
N ALA A 178 -2.44 4.68 -23.64
CA ALA A 178 -1.94 3.72 -24.66
C ALA A 178 -0.40 3.46 -24.64
N ASP A 179 0.48 4.44 -24.36
CA ASP A 179 1.93 4.06 -24.16
C ASP A 179 2.24 3.25 -22.91
N LEU A 180 1.43 3.25 -21.85
CA LEU A 180 1.73 2.37 -20.71
C LEU A 180 1.58 0.86 -21.07
N TYR A 181 0.55 0.48 -21.89
CA TYR A 181 0.44 -0.92 -22.40
C TYR A 181 1.66 -1.31 -23.30
N LYS A 182 2.17 -0.36 -24.12
CA LYS A 182 3.35 -0.64 -24.95
C LYS A 182 4.66 -0.88 -24.16
N LEU A 183 4.87 -0.23 -23.01
CA LEU A 183 6.05 -0.48 -22.13
C LEU A 183 6.02 -1.84 -21.35
N MET A 184 4.86 -2.50 -21.16
CA MET A 184 4.85 -3.87 -20.62
C MET A 184 5.64 -4.90 -21.47
N GLY A 185 5.87 -4.66 -22.78
CA GLY A 185 6.76 -5.52 -23.55
C GLY A 185 8.29 -5.39 -23.34
N HIS A 186 8.77 -4.58 -22.36
CA HIS A 186 10.19 -4.51 -22.00
C HIS A 186 10.55 -5.26 -20.66
N PHE A 187 9.66 -6.11 -20.13
CA PHE A 187 9.88 -7.00 -18.97
C PHE A 187 9.87 -8.46 -19.49
N ALA A 188 10.31 -9.43 -18.63
CA ALA A 188 10.25 -10.86 -18.99
C ALA A 188 8.85 -11.56 -18.94
N TRP A 189 7.83 -11.04 -18.19
CA TRP A 189 6.41 -11.51 -18.13
C TRP A 189 5.48 -10.37 -17.63
N TRP A 190 4.13 -10.44 -17.96
CA TRP A 190 3.09 -9.43 -17.56
C TRP A 190 1.66 -10.04 -17.45
N THR A 191 0.71 -9.36 -16.67
CA THR A 191 -0.74 -9.70 -16.63
C THR A 191 -1.62 -8.54 -16.07
N ALA A 192 -2.99 -8.76 -16.02
CA ALA A 192 -3.99 -7.95 -15.25
C ALA A 192 -4.87 -8.72 -14.21
N PHE A 193 -4.93 -8.23 -12.90
CA PHE A 193 -5.50 -8.95 -11.71
C PHE A 193 -6.68 -8.22 -11.00
N VAL A 194 -7.79 -8.98 -10.66
CA VAL A 194 -9.05 -8.49 -10.00
C VAL A 194 -9.29 -9.15 -8.57
N THR A 195 -9.49 -8.34 -7.47
CA THR A 195 -9.73 -8.90 -6.10
C THR A 195 -11.17 -9.47 -5.89
N ASN A 196 -11.32 -10.54 -5.04
CA ASN A 196 -12.64 -11.22 -4.84
C ASN A 196 -13.61 -10.40 -3.94
N VAL A 197 -13.11 -9.44 -3.13
CA VAL A 197 -13.99 -8.58 -2.30
C VAL A 197 -14.59 -7.34 -3.05
N ASN A 198 -14.07 -6.91 -4.27
CA ASN A 198 -14.64 -5.79 -5.07
C ASN A 198 -15.01 -6.19 -6.52
N ALA A 199 -15.43 -7.44 -6.76
CA ALA A 199 -15.69 -7.99 -8.10
C ALA A 199 -16.97 -7.50 -8.82
N SER A 200 -17.82 -6.66 -8.23
CA SER A 200 -18.91 -6.04 -8.97
C SER A 200 -18.57 -4.65 -9.59
N SER A 201 -17.30 -4.24 -9.64
CA SER A 201 -16.78 -3.03 -10.31
C SER A 201 -15.81 -3.36 -11.47
N SER A 202 -15.55 -2.36 -12.35
CA SER A 202 -14.60 -2.47 -13.49
C SER A 202 -13.11 -2.11 -13.20
N GLU A 203 -12.71 -1.81 -11.93
CA GLU A 203 -11.31 -1.69 -11.45
C GLU A 203 -10.43 -2.93 -11.71
N ALA A 204 -9.09 -2.70 -11.99
CA ALA A 204 -7.98 -3.71 -11.94
C ALA A 204 -6.57 -3.12 -11.72
N PHE A 205 -5.58 -3.98 -11.34
CA PHE A 205 -4.14 -3.62 -11.18
C PHE A 205 -3.23 -4.25 -12.27
N LEU A 206 -2.47 -3.41 -12.99
CA LEU A 206 -1.54 -3.81 -14.07
C LEU A 206 -0.09 -4.04 -13.60
N ILE A 207 0.43 -5.30 -13.73
CA ILE A 207 1.68 -5.79 -13.07
C ILE A 207 2.81 -6.19 -14.08
N GLY A 208 4.08 -5.70 -13.86
CA GLY A 208 5.31 -6.14 -14.58
C GLY A 208 6.48 -6.73 -13.78
N CYS A 209 7.04 -7.92 -14.18
CA CYS A 209 7.99 -8.75 -13.40
C CYS A 209 9.39 -8.94 -14.03
N ASN A 210 10.44 -8.36 -13.39
CA ASN A 210 11.89 -8.45 -13.74
C ASN A 210 12.29 -7.62 -15.02
N TYR A 211 12.83 -6.36 -14.84
CA TYR A 211 13.07 -5.35 -15.91
C TYR A 211 14.43 -5.48 -16.65
N LEU A 212 14.40 -5.32 -18.00
CA LEU A 212 15.55 -5.58 -18.88
C LEU A 212 16.10 -4.40 -19.70
N GLY A 213 15.38 -3.27 -19.80
CA GLY A 213 15.94 -2.06 -20.44
C GLY A 213 15.87 -1.96 -21.96
N LYS A 214 15.13 -2.84 -22.66
CA LYS A 214 14.95 -2.76 -24.11
C LYS A 214 13.81 -3.68 -24.53
N PRO A 215 13.32 -3.61 -25.79
CA PRO A 215 12.11 -4.36 -26.15
C PRO A 215 12.39 -5.82 -26.47
N ARG A 216 11.46 -6.65 -26.03
CA ARG A 216 11.46 -8.07 -26.32
C ARG A 216 10.31 -8.51 -27.25
N GLU A 217 9.16 -7.82 -27.21
CA GLU A 217 8.09 -7.95 -28.22
C GLU A 217 7.43 -6.59 -28.43
N GLN A 218 6.72 -6.46 -29.59
CA GLN A 218 5.96 -5.26 -29.96
C GLN A 218 4.45 -5.37 -29.70
N ILE A 219 3.84 -4.31 -29.14
CA ILE A 219 2.42 -4.29 -28.73
C ILE A 219 1.75 -2.98 -29.16
N ASP A 220 0.56 -3.08 -29.80
CA ASP A 220 -0.31 -1.92 -30.11
C ASP A 220 -1.36 -1.71 -29.01
N GLY A 221 -1.28 -0.55 -28.30
CA GLY A 221 -2.07 -0.31 -27.08
C GLY A 221 -3.57 0.02 -27.25
N TYR A 222 -4.00 0.48 -28.44
CA TYR A 222 -5.43 0.66 -28.71
C TYR A 222 -6.18 -0.69 -28.87
N VAL A 223 -5.59 -1.70 -29.55
CA VAL A 223 -6.20 -3.04 -29.69
C VAL A 223 -6.20 -3.86 -28.35
N MET A 224 -5.18 -3.68 -27.46
CA MET A 224 -5.14 -4.52 -26.23
C MET A 224 -6.15 -4.10 -25.13
N HIS A 225 -6.53 -2.79 -24.99
CA HIS A 225 -7.64 -2.41 -24.07
C HIS A 225 -8.99 -3.02 -24.50
N ALA A 226 -9.28 -3.06 -25.84
CA ALA A 226 -10.54 -3.70 -26.31
C ALA A 226 -10.61 -5.23 -26.11
N ASN A 227 -9.47 -5.96 -26.18
CA ASN A 227 -9.45 -7.38 -25.78
C ASN A 227 -9.80 -7.57 -24.27
N TYR A 228 -9.42 -6.60 -23.35
CA TYR A 228 -9.71 -6.69 -21.87
C TYR A 228 -11.22 -6.52 -21.53
N ILE A 229 -11.95 -5.63 -22.23
CA ILE A 229 -13.42 -5.41 -22.03
C ILE A 229 -14.27 -6.61 -22.54
N PHE A 230 -13.85 -7.29 -23.63
CA PHE A 230 -14.52 -8.52 -24.12
C PHE A 230 -14.51 -9.68 -23.08
N TRP A 231 -13.36 -9.96 -22.40
CA TRP A 231 -13.26 -10.98 -21.33
C TRP A 231 -14.26 -10.74 -20.18
N ARG A 232 -14.24 -9.54 -19.56
CA ARG A 232 -15.19 -9.20 -18.45
C ARG A 232 -16.68 -9.29 -18.86
N ASN A 233 -17.05 -8.91 -20.12
CA ASN A 233 -18.47 -8.97 -20.55
C ASN A 233 -19.02 -10.42 -20.77
N THR A 234 -18.16 -11.47 -20.97
CA THR A 234 -18.63 -12.85 -21.21
C THR A 234 -18.29 -13.88 -20.08
N ASN A 235 -17.64 -13.45 -18.97
CA ASN A 235 -17.27 -14.32 -17.82
C ASN A 235 -17.58 -13.71 -16.42
N PRO A 236 -18.76 -13.97 -15.84
CA PRO A 236 -19.08 -13.41 -14.50
C PRO A 236 -18.41 -14.08 -13.27
N ILE A 237 -18.09 -13.26 -12.23
CA ILE A 237 -17.31 -13.68 -11.05
C ILE A 237 -18.11 -13.50 -9.73
N GLN A 238 -18.10 -14.56 -8.86
CA GLN A 238 -18.83 -14.59 -7.57
C GLN A 238 -18.11 -13.95 -6.36
N LEU A 239 -18.85 -13.16 -5.55
CA LEU A 239 -18.23 -12.41 -4.43
C LEU A 239 -17.95 -13.26 -3.16
N SER A 240 -16.81 -12.97 -2.47
CA SER A 240 -16.32 -13.78 -1.35
C SER A 240 -15.27 -13.10 -0.46
N SER A 241 -15.31 -13.45 0.86
CA SER A 241 -14.28 -13.07 1.84
C SER A 241 -13.62 -14.24 2.64
N TYR A 242 -13.59 -15.48 2.07
CA TYR A 242 -13.04 -16.66 2.78
C TYR A 242 -11.54 -16.55 3.21
N SER A 243 -10.63 -16.00 2.36
CA SER A 243 -9.17 -16.06 2.61
C SER A 243 -8.65 -15.10 3.74
N LEU A 244 -9.44 -14.14 4.23
CA LEU A 244 -9.01 -13.25 5.33
C LEU A 244 -8.90 -13.94 6.73
N PHE A 245 -9.39 -15.19 6.88
CA PHE A 245 -9.38 -15.87 8.19
C PHE A 245 -8.08 -16.66 8.54
N ASP A 246 -7.12 -16.93 7.60
CA ASP A 246 -5.91 -17.75 7.89
C ASP A 246 -4.64 -16.97 7.54
N MET A 247 -3.93 -16.50 8.60
CA MET A 247 -2.80 -15.58 8.49
C MET A 247 -1.47 -16.23 8.94
N SER A 248 -1.40 -17.57 9.06
CA SER A 248 -0.21 -18.20 9.62
C SER A 248 1.01 -18.19 8.67
N LYS A 249 0.83 -17.94 7.34
CA LYS A 249 1.93 -17.79 6.39
C LYS A 249 2.11 -16.42 5.66
N PHE A 250 1.71 -15.24 6.26
CA PHE A 250 1.64 -13.97 5.55
C PHE A 250 3.00 -13.30 5.22
N PRO A 251 3.99 -13.20 6.13
CA PRO A 251 5.21 -12.39 5.87
C PRO A 251 6.13 -12.82 4.72
N LEU A 252 6.78 -11.83 4.05
CA LEU A 252 7.67 -12.04 2.90
C LEU A 252 9.08 -12.57 3.27
N LYS A 253 9.58 -13.56 2.50
CA LYS A 253 10.77 -14.33 2.86
C LYS A 253 12.09 -13.66 2.42
N LEU A 254 13.10 -13.75 3.29
CA LEU A 254 14.38 -13.08 3.06
C LEU A 254 15.33 -13.94 2.23
N ARG A 255 15.66 -13.50 1.01
CA ARG A 255 16.46 -14.29 0.07
C ARG A 255 17.97 -13.95 0.08
N GLY A 256 18.39 -12.71 0.39
CA GLY A 256 19.79 -12.30 0.39
C GLY A 256 20.42 -11.96 -0.96
N THR A 257 19.62 -11.64 -1.98
CA THR A 257 20.08 -11.41 -3.36
C THR A 257 21.24 -10.42 -3.44
N ALA A 258 22.15 -10.62 -4.43
CA ALA A 258 23.40 -9.87 -4.57
C ALA A 258 23.31 -8.64 -5.52
N VAL A 259 24.24 -7.67 -5.30
CA VAL A 259 24.23 -6.33 -5.91
C VAL A 259 25.62 -5.93 -6.46
N MET A 260 25.64 -5.40 -7.71
CA MET A 260 26.87 -4.97 -8.39
C MET A 260 26.66 -3.69 -9.19
N SER A 261 27.76 -3.03 -9.58
CA SER A 261 27.72 -1.87 -10.48
C SER A 261 28.53 -2.15 -11.75
N LEU A 262 27.97 -1.80 -12.93
CA LEU A 262 28.56 -2.18 -14.22
C LEU A 262 28.25 -1.14 -15.30
N LYS A 263 29.10 -1.14 -16.35
CA LYS A 263 29.07 -0.16 -17.42
C LYS A 263 28.43 -0.76 -18.68
N GLU A 264 27.88 0.13 -19.53
CA GLU A 264 26.87 -0.29 -20.51
C GLU A 264 27.38 -1.33 -21.52
N GLY A 265 28.69 -1.53 -21.62
CA GLY A 265 29.25 -2.46 -22.58
C GLY A 265 29.69 -3.82 -22.06
N GLN A 266 29.33 -4.17 -20.82
CA GLN A 266 29.71 -5.45 -20.23
C GLN A 266 28.53 -6.40 -20.06
N ILE A 267 27.48 -6.30 -20.87
CA ILE A 267 26.30 -7.09 -20.59
C ILE A 267 26.13 -8.11 -21.70
N ASN A 268 26.38 -9.37 -21.36
CA ASN A 268 26.43 -10.51 -22.28
C ASN A 268 25.33 -11.51 -21.91
N ASP A 269 25.24 -12.59 -22.71
CA ASP A 269 24.12 -13.50 -22.57
C ASP A 269 24.15 -14.25 -21.24
N MET A 270 25.31 -14.42 -20.62
CA MET A 270 25.34 -14.98 -19.27
C MET A 270 24.60 -14.09 -18.28
N ILE A 271 24.82 -12.76 -18.36
CA ILE A 271 24.20 -11.79 -17.44
C ILE A 271 22.68 -11.73 -17.62
N LEU A 272 22.25 -11.65 -18.89
CA LEU A 272 20.82 -11.50 -19.22
C LEU A 272 19.98 -12.67 -18.72
N SER A 273 20.58 -13.86 -18.63
CA SER A 273 19.88 -15.05 -18.15
C SER A 273 19.65 -14.99 -16.64
N LEU A 274 20.62 -14.41 -15.90
CA LEU A 274 20.51 -14.25 -14.45
C LEU A 274 19.42 -13.25 -14.05
N LEU A 275 19.27 -12.14 -14.80
CA LEU A 275 18.20 -11.17 -14.52
C LEU A 275 16.80 -11.79 -14.73
N SER A 276 16.65 -12.69 -15.70
CA SER A 276 15.33 -13.24 -16.04
C SER A 276 14.75 -14.19 -15.00
N LYS A 277 15.57 -14.78 -14.11
CA LYS A 277 15.11 -15.71 -13.09
C LYS A 277 15.07 -15.17 -11.66
N GLY A 278 15.28 -13.88 -11.45
CA GLY A 278 15.22 -13.32 -10.11
C GLY A 278 16.46 -13.48 -9.23
N ARG A 279 17.68 -13.41 -9.81
CA ARG A 279 18.90 -13.64 -9.03
C ARG A 279 19.96 -12.53 -9.13
N LEU A 280 19.63 -11.28 -9.53
CA LEU A 280 20.61 -10.19 -9.61
C LEU A 280 19.98 -8.79 -9.78
N ILE A 281 20.61 -7.76 -9.14
CA ILE A 281 20.27 -6.32 -9.19
C ILE A 281 21.51 -5.49 -9.57
N ILE A 282 21.34 -4.42 -10.38
CA ILE A 282 22.44 -3.54 -10.84
C ILE A 282 22.13 -2.04 -10.61
N ARG A 283 22.93 -1.38 -9.71
CA ARG A 283 22.84 0.07 -9.33
C ARG A 283 24.03 0.45 -8.39
N GLU A 284 24.11 1.76 -8.02
CA GLU A 284 25.08 2.21 -7.00
C GLU A 284 24.47 2.16 -5.59
N ASN A 285 25.32 2.34 -4.57
CA ASN A 285 24.89 2.13 -3.18
C ASN A 285 25.39 3.24 -2.25
N ASN A 286 25.07 4.49 -2.59
CA ASN A 286 25.41 5.65 -1.76
C ASN A 286 24.24 6.05 -0.85
N ARG A 287 24.15 7.33 -0.44
CA ARG A 287 23.12 7.80 0.47
C ARG A 287 21.85 8.30 -0.26
N VAL A 288 20.79 8.55 0.51
CA VAL A 288 19.48 8.95 -0.02
C VAL A 288 19.16 10.40 0.35
N VAL A 289 18.75 11.19 -0.67
CA VAL A 289 18.45 12.64 -0.60
C VAL A 289 17.34 13.02 -1.59
N ILE A 290 16.35 13.86 -1.14
CA ILE A 290 15.12 14.22 -1.86
C ILE A 290 14.74 15.71 -1.65
N SER A 291 13.84 16.26 -2.51
CA SER A 291 13.34 17.65 -2.33
C SER A 291 12.06 18.03 -3.14
N SER A 292 11.53 19.24 -2.88
CA SER A 292 10.33 19.79 -3.54
C SER A 292 10.34 21.29 -3.89
N ASP A 293 9.84 21.68 -5.11
CA ASP A 293 9.95 23.08 -5.64
C ASP A 293 8.85 24.06 -5.18
N VAL A 294 9.18 25.37 -4.93
CA VAL A 294 8.25 26.41 -4.41
C VAL A 294 8.26 27.74 -5.20
N LEU A 295 7.04 28.20 -5.61
CA LEU A 295 6.85 29.43 -6.39
C LEU A 295 6.51 30.66 -5.55
N VAL A 296 7.14 31.81 -5.87
CA VAL A 296 7.05 33.03 -5.07
C VAL A 296 6.38 34.16 -5.86
N ASN A 297 5.25 34.68 -5.32
CA ASN A 297 4.63 35.93 -5.78
C ASN A 297 3.77 36.63 -4.72
N ASN A 298 3.68 36.10 -3.51
CA ASN A 298 2.73 36.58 -2.48
C ASN A 298 3.32 37.71 -1.64
N ALA B 18 4.88 33.47 31.01
CA ALA B 18 4.60 32.40 31.95
C ALA B 18 3.31 31.66 31.58
N PHE B 19 2.66 32.06 30.47
CA PHE B 19 1.41 31.45 30.01
C PHE B 19 1.68 30.31 29.03
N ALA B 20 0.88 29.24 29.12
CA ALA B 20 0.85 28.15 28.13
C ALA B 20 -0.44 27.36 28.31
N VAL B 21 -0.83 26.61 27.27
CA VAL B 21 -2.16 25.97 27.25
C VAL B 21 -1.99 24.52 27.73
N ASP B 22 -3.06 23.94 28.32
CA ASP B 22 -3.04 22.57 28.88
C ASP B 22 -4.17 21.68 28.33
N ALA B 23 -3.94 20.97 27.22
CA ALA B 23 -5.03 20.28 26.52
C ALA B 23 -5.31 18.87 27.01
N ALA B 24 -4.38 18.23 27.73
CA ALA B 24 -4.66 16.94 28.33
C ALA B 24 -5.85 17.00 29.29
N LYS B 25 -6.17 18.18 29.83
CA LYS B 25 -7.22 18.32 30.85
C LYS B 25 -8.53 18.91 30.30
N ALA B 26 -8.53 19.51 29.11
CA ALA B 26 -9.79 19.87 28.47
C ALA B 26 -10.53 18.64 27.92
N TYR B 27 -9.82 17.54 27.56
CA TYR B 27 -10.48 16.32 27.08
C TYR B 27 -11.13 15.54 28.24
N LYS B 28 -10.38 15.40 29.34
CA LYS B 28 -10.89 14.76 30.56
C LYS B 28 -12.14 15.46 31.13
N ASP B 29 -12.24 16.79 31.04
CA ASP B 29 -13.46 17.44 31.53
C ASP B 29 -14.60 17.39 30.50
N TYR B 30 -14.30 17.35 29.20
CA TYR B 30 -15.32 17.20 28.15
C TYR B 30 -16.03 15.86 28.26
N LEU B 31 -15.31 14.81 28.64
CA LEU B 31 -15.93 13.49 28.76
C LEU B 31 -16.80 13.40 30.01
N ALA B 32 -16.37 14.03 31.11
CA ALA B 32 -17.09 13.98 32.37
C ALA B 32 -18.45 14.70 32.35
N SER B 33 -18.69 15.57 31.37
CA SER B 33 -20.03 16.15 31.17
C SER B 33 -20.85 15.37 30.13
N GLY B 34 -20.25 14.43 29.39
CA GLY B 34 -20.98 13.57 28.50
C GLY B 34 -20.85 13.85 27.01
N GLY B 35 -19.62 13.97 26.48
CA GLY B 35 -19.40 14.12 25.06
C GLY B 35 -19.07 12.81 24.35
N GLN B 36 -19.00 12.88 22.99
CA GLN B 36 -18.74 11.67 22.17
C GLN B 36 -17.24 11.49 21.92
N PRO B 37 -16.69 10.29 22.16
CA PRO B 37 -15.23 10.08 21.97
C PRO B 37 -14.79 10.14 20.51
N ILE B 38 -13.46 10.30 20.33
CA ILE B 38 -12.84 10.38 18.99
C ILE B 38 -12.91 9.05 18.21
N THR B 39 -13.04 9.16 16.86
CA THR B 39 -13.28 8.03 15.93
C THR B 39 -12.23 7.93 14.81
N ASN B 40 -12.36 6.84 14.01
CA ASN B 40 -11.58 6.51 12.79
C ASN B 40 -10.13 6.04 13.07
N CYS B 41 -9.87 5.45 14.26
CA CYS B 41 -8.63 4.72 14.55
C CYS B 41 -8.57 3.41 13.72
N VAL B 42 -7.34 2.98 13.27
CA VAL B 42 -7.12 1.91 12.25
C VAL B 42 -6.82 0.47 12.83
N LYS B 43 -7.74 -0.51 12.68
CA LYS B 43 -7.57 -1.88 13.23
C LYS B 43 -7.11 -2.96 12.21
N MET B 44 -6.27 -3.95 12.68
CA MET B 44 -5.60 -4.93 11.79
C MET B 44 -6.08 -6.39 11.96
N LEU B 45 -5.84 -7.23 10.89
CA LEU B 45 -6.01 -8.70 10.89
C LEU B 45 -4.76 -9.51 11.34
N CYS B 46 -4.96 -10.57 12.19
CA CYS B 46 -3.88 -11.30 12.91
C CYS B 46 -4.41 -12.61 13.50
N THR B 47 -3.49 -13.47 14.10
CA THR B 47 -3.85 -14.82 14.59
C THR B 47 -4.45 -14.92 16.02
N HIS B 48 -4.21 -13.95 16.91
CA HIS B 48 -4.67 -13.99 18.33
C HIS B 48 -4.08 -15.19 19.15
N THR B 49 -2.85 -15.66 18.80
CA THR B 49 -2.04 -16.52 19.67
C THR B 49 -0.64 -15.92 20.04
N GLY B 50 -0.56 -14.60 20.30
CA GLY B 50 0.70 -13.89 20.55
C GLY B 50 1.06 -13.73 22.03
N THR B 51 1.97 -12.77 22.31
CA THR B 51 2.65 -12.62 23.59
C THR B 51 1.94 -11.84 24.70
N GLY B 52 1.22 -10.77 24.40
CA GLY B 52 0.55 -10.02 25.46
C GLY B 52 1.14 -8.68 25.91
N GLN B 53 2.37 -8.32 25.52
CA GLN B 53 3.02 -7.05 25.96
C GLN B 53 2.42 -5.77 25.32
N ALA B 54 2.84 -4.59 25.83
CA ALA B 54 2.12 -3.32 25.60
C ALA B 54 2.46 -2.58 24.29
N ILE B 55 3.75 -2.41 23.91
CA ILE B 55 4.17 -1.67 22.70
C ILE B 55 5.27 -2.46 21.96
N THR B 56 5.08 -2.69 20.62
CA THR B 56 5.92 -3.64 19.88
C THR B 56 6.18 -3.29 18.40
N VAL B 57 7.13 -4.04 17.77
CA VAL B 57 7.49 -3.78 16.37
C VAL B 57 6.60 -4.49 15.32
N THR B 58 5.80 -5.49 15.74
CA THR B 58 4.82 -6.19 14.90
C THR B 58 3.68 -6.62 15.84
N PRO B 59 2.47 -6.92 15.29
CA PRO B 59 1.30 -7.25 16.16
C PRO B 59 1.43 -8.52 17.03
N GLU B 60 0.97 -8.41 18.34
CA GLU B 60 1.15 -9.49 19.34
C GLU B 60 -0.08 -9.75 20.28
N ALA B 61 -1.32 -9.48 19.85
CA ALA B 61 -2.47 -9.74 20.71
C ALA B 61 -2.70 -11.24 21.02
N ASN B 62 -3.31 -11.51 22.24
CA ASN B 62 -3.74 -12.84 22.74
C ASN B 62 -5.29 -13.01 22.69
N MET B 63 -5.81 -14.10 23.36
CA MET B 63 -7.24 -14.44 23.20
C MET B 63 -8.19 -13.36 23.80
N ASP B 64 -7.70 -12.47 24.68
CA ASP B 64 -8.50 -11.41 25.29
C ASP B 64 -8.16 -9.94 24.83
N GLN B 65 -7.67 -9.67 23.58
CA GLN B 65 -7.18 -8.34 23.12
C GLN B 65 -7.37 -8.04 21.60
N GLU B 66 -7.25 -6.74 21.19
CA GLU B 66 -7.22 -6.28 19.79
C GLU B 66 -5.94 -5.43 19.53
N SER B 67 -5.49 -5.28 18.23
CA SER B 67 -4.27 -4.52 17.84
C SER B 67 -4.50 -3.38 16.80
N PHE B 68 -3.81 -2.19 16.98
CA PHE B 68 -3.98 -0.95 16.18
C PHE B 68 -2.66 -0.26 15.74
N GLY B 69 -2.68 0.48 14.61
CA GLY B 69 -1.52 1.31 14.19
C GLY B 69 -1.31 2.60 15.01
N GLY B 70 -0.03 2.91 15.32
CA GLY B 70 0.30 3.82 16.44
C GLY B 70 0.04 5.33 16.26
N ALA B 71 0.37 5.90 15.09
CA ALA B 71 0.08 7.31 14.88
C ALA B 71 -1.42 7.68 15.09
N SER B 72 -2.36 6.85 14.62
CA SER B 72 -3.80 7.22 14.71
C SER B 72 -4.40 7.16 16.16
N CYS B 73 -3.64 6.79 17.20
CA CYS B 73 -4.12 6.80 18.59
C CYS B 73 -3.39 7.83 19.53
N CYS B 74 -2.69 8.86 18.97
CA CYS B 74 -1.93 9.87 19.77
C CYS B 74 -2.58 11.27 19.71
N LEU B 75 -2.81 11.90 20.89
CA LEU B 75 -3.61 13.14 20.96
C LEU B 75 -2.87 14.35 20.36
N TYR B 76 -1.55 14.43 20.52
CA TYR B 76 -0.78 15.55 19.93
C TYR B 76 -0.69 15.46 18.39
N CYS B 77 -0.40 14.25 17.83
CA CYS B 77 -0.35 14.09 16.37
C CYS B 77 -1.68 14.51 15.71
N ARG B 78 -2.85 14.13 16.33
CA ARG B 78 -4.15 14.28 15.65
C ARG B 78 -4.73 15.71 15.75
N CYS B 79 -4.28 16.53 16.73
CA CYS B 79 -4.75 17.89 16.90
C CYS B 79 -3.83 18.95 16.25
N HIS B 80 -2.64 18.59 15.76
CA HIS B 80 -1.67 19.51 15.17
C HIS B 80 -1.04 20.44 16.21
N ILE B 81 -0.43 19.90 17.28
CA ILE B 81 0.25 20.72 18.29
C ILE B 81 1.54 20.05 18.76
N ASP B 82 2.29 20.80 19.60
CA ASP B 82 3.67 20.43 19.98
C ASP B 82 3.71 19.31 21.04
N HIS B 83 4.70 18.40 20.93
CA HIS B 83 4.78 17.31 21.88
C HIS B 83 5.45 17.80 23.17
N PRO B 84 4.94 17.40 24.37
CA PRO B 84 5.40 17.98 25.66
C PRO B 84 6.77 17.47 26.11
N ASN B 85 7.84 18.01 25.49
CA ASN B 85 9.19 17.48 25.69
C ASN B 85 10.24 18.44 25.15
N PRO B 86 11.28 18.79 25.94
CA PRO B 86 12.36 19.64 25.41
C PRO B 86 12.78 19.34 23.99
N LYS B 87 12.75 18.07 23.59
CA LYS B 87 13.00 17.65 22.20
C LYS B 87 11.81 16.81 21.74
N GLY B 88 10.86 17.45 21.06
CA GLY B 88 9.66 16.73 20.62
C GLY B 88 9.96 15.31 20.16
N PHE B 89 9.52 14.34 20.95
CA PHE B 89 9.70 12.92 20.62
C PHE B 89 8.37 12.21 20.88
N CYS B 90 7.90 11.42 19.89
CA CYS B 90 6.67 10.64 20.01
C CYS B 90 7.03 9.20 20.36
N ASP B 91 6.32 8.64 21.33
CA ASP B 91 6.51 7.26 21.76
C ASP B 91 5.81 6.23 20.87
N LEU B 92 4.90 6.64 19.98
CA LEU B 92 3.96 5.72 19.31
C LEU B 92 4.12 5.65 17.79
N LYS B 93 4.42 6.76 17.13
CA LYS B 93 4.53 6.79 15.67
C LYS B 93 5.56 5.78 15.13
N GLY B 94 5.14 4.94 14.16
CA GLY B 94 5.99 3.90 13.60
C GLY B 94 5.94 2.50 14.29
N LYS B 95 4.97 2.24 15.19
CA LYS B 95 4.86 0.92 15.91
C LYS B 95 3.37 0.45 16.04
N TYR B 96 3.13 -0.61 16.93
CA TYR B 96 1.79 -1.20 17.20
C TYR B 96 1.48 -1.30 18.73
N VAL B 97 0.18 -1.04 19.12
CA VAL B 97 -0.29 -1.00 20.52
C VAL B 97 -1.52 -1.90 20.78
N GLN B 98 -1.50 -2.63 21.93
CA GLN B 98 -2.55 -3.62 22.32
C GLN B 98 -3.56 -3.08 23.37
N ILE B 99 -4.87 -3.32 23.15
CA ILE B 99 -5.93 -2.79 24.04
C ILE B 99 -6.91 -3.87 24.52
N PRO B 100 -7.30 -3.92 25.82
CA PRO B 100 -8.30 -4.93 26.27
C PRO B 100 -9.68 -4.77 25.62
N THR B 101 -10.33 -5.93 25.34
CA THR B 101 -11.54 -5.95 24.49
C THR B 101 -12.74 -5.23 25.14
N THR B 102 -12.87 -5.22 26.49
CA THR B 102 -13.94 -4.45 27.13
C THR B 102 -13.69 -2.93 27.25
N CYS B 103 -12.60 -2.36 26.71
CA CYS B 103 -12.41 -0.89 26.66
C CYS B 103 -12.18 -0.36 25.24
N ALA B 104 -12.46 -1.13 24.17
CA ALA B 104 -12.02 -0.74 22.82
C ALA B 104 -12.93 0.29 22.11
N ASN B 105 -13.87 0.93 22.80
CA ASN B 105 -14.60 2.07 22.22
C ASN B 105 -13.93 3.45 22.41
N ASP B 106 -12.85 3.58 23.21
CA ASP B 106 -12.14 4.86 23.38
C ASP B 106 -10.62 4.63 23.56
N PRO B 107 -9.91 4.29 22.48
CA PRO B 107 -8.45 4.03 22.62
C PRO B 107 -7.58 5.24 22.94
N VAL B 108 -7.97 6.47 22.57
CA VAL B 108 -7.19 7.67 22.93
C VAL B 108 -7.23 7.91 24.45
N GLY B 109 -8.39 7.73 25.08
CA GLY B 109 -8.48 7.91 26.53
C GLY B 109 -7.75 6.88 27.37
N PHE B 110 -7.68 5.61 26.91
CA PHE B 110 -7.02 4.55 27.69
C PHE B 110 -5.51 4.83 27.84
N THR B 111 -4.84 5.18 26.72
CA THR B 111 -3.39 5.42 26.74
C THR B 111 -3.00 6.66 27.56
N LEU B 112 -3.87 7.69 27.61
CA LEU B 112 -3.59 8.90 28.39
C LEU B 112 -3.63 8.70 29.90
N LYS B 113 -4.14 7.57 30.42
CA LYS B 113 -4.36 7.41 31.86
C LYS B 113 -3.56 6.32 32.56
N ASN B 114 -3.00 5.34 31.86
CA ASN B 114 -2.37 4.18 32.51
C ASN B 114 -0.85 4.22 32.31
N THR B 115 -0.14 3.25 32.94
CA THR B 115 1.32 3.29 32.98
C THR B 115 1.88 1.87 32.76
N VAL B 116 3.07 1.75 32.13
CA VAL B 116 3.74 0.48 31.78
C VAL B 116 4.77 0.08 32.84
N CYS B 117 4.93 -1.24 33.09
CA CYS B 117 5.96 -1.74 34.01
C CYS B 117 7.31 -1.84 33.32
N THR B 118 8.33 -1.26 33.96
CA THR B 118 9.67 -1.16 33.40
C THR B 118 10.52 -2.42 33.66
N VAL B 119 9.93 -3.52 34.17
CA VAL B 119 10.64 -4.76 34.41
C VAL B 119 10.16 -5.89 33.50
N CYS B 120 8.84 -6.11 33.37
CA CYS B 120 8.33 -7.18 32.53
C CYS B 120 7.69 -6.73 31.21
N GLY B 121 7.18 -5.50 31.12
CA GLY B 121 6.65 -4.95 29.88
C GLY B 121 5.14 -4.93 29.74
N MET B 122 4.39 -5.42 30.73
CA MET B 122 2.95 -5.51 30.77
C MET B 122 2.35 -4.23 31.33
N TRP B 123 1.06 -3.99 31.05
CA TRP B 123 0.38 -2.87 31.68
C TRP B 123 0.18 -3.17 33.18
N LYS B 124 0.48 -2.18 34.02
CA LYS B 124 0.16 -2.24 35.45
C LYS B 124 -1.37 -2.08 35.70
N GLY B 125 -1.94 -3.09 36.36
CA GLY B 125 -3.36 -3.24 36.52
C GLY B 125 -3.98 -4.29 35.61
N TYR B 126 -3.36 -4.59 34.46
CA TYR B 126 -3.94 -5.50 33.48
C TYR B 126 -2.87 -6.47 32.91
N GLY B 127 -2.15 -7.18 33.79
CA GLY B 127 -1.16 -8.16 33.36
C GLY B 127 0.08 -8.38 34.22
N CYS B 128 0.75 -7.31 34.69
CA CYS B 128 2.01 -7.46 35.43
C CYS B 128 1.79 -8.13 36.79
N SER B 129 2.70 -9.05 37.14
CA SER B 129 2.52 -9.87 38.34
C SER B 129 3.78 -9.89 39.20
N CYS B 130 4.44 -8.73 39.33
CA CYS B 130 5.70 -8.66 40.06
C CYS B 130 5.47 -8.54 41.58
N ASP B 131 4.84 -7.45 42.03
CA ASP B 131 4.61 -7.24 43.46
C ASP B 131 3.49 -8.13 44.02
O1 MES C . 6.68 -16.06 -12.10
C2 MES C . 6.29 -17.41 -11.79
C3 MES C . 5.09 -17.89 -12.59
N4 MES C . 5.31 -17.78 -14.07
C5 MES C . 5.71 -16.35 -14.34
C6 MES C . 6.92 -15.95 -13.50
C7 MES C . 4.13 -18.25 -14.88
C8 MES C . 4.32 -18.35 -16.40
S MES C . 2.98 -19.15 -17.33
O1S MES C . 3.07 -20.56 -17.05
O2S MES C . 3.22 -18.86 -18.73
O3S MES C . 1.75 -18.58 -16.86
H21 MES C . 6.08 -17.46 -10.84
H22 MES C . 7.04 -18.00 -11.97
H31 MES C . 4.31 -17.37 -12.35
H32 MES C . 4.92 -18.83 -12.37
HN4 MES C . 5.99 -18.31 -14.34
H51 MES C . 4.96 -15.76 -14.12
H52 MES C . 5.92 -16.25 -15.28
H61 MES C . 7.68 -16.52 -13.74
H62 MES C . 7.16 -15.03 -13.70
H71 MES C . 3.36 -17.60 -14.67
H72 MES C . 3.87 -19.16 -14.50
H81 MES C . 5.13 -18.85 -16.61
H82 MES C . 4.41 -17.45 -16.79
C ACT D . -15.36 4.67 -14.99
O ACT D . -14.78 4.00 -15.85
OXT ACT D . -16.60 4.64 -14.82
CH3 ACT D . -14.48 5.61 -14.11
H1 ACT D . -15.03 6.03 -13.43
H2 ACT D . -14.08 6.30 -14.67
H3 ACT D . -13.78 5.10 -13.67
C ACT E . -13.01 2.63 -7.33
O ACT E . -12.59 3.01 -6.19
OXT ACT E . -12.68 3.19 -8.40
CH3 ACT E . -13.99 1.41 -7.40
H1 ACT E . -13.55 0.61 -7.06
H2 ACT E . -14.26 1.26 -8.31
H3 ACT E . -14.77 1.59 -6.85
C1 EDO F . -12.76 2.03 -1.70
O1 EDO F . -13.12 2.64 -0.47
C2 EDO F . -13.82 2.02 -2.76
O2 EDO F . -13.64 1.05 -3.78
H11 EDO F . -12.50 1.09 -1.52
H12 EDO F . -11.97 2.49 -2.06
HO1 EDO F . -12.48 2.56 0.09
H21 EDO F . -13.85 2.91 -3.17
H22 EDO F . -14.68 1.86 -2.33
HO2 EDO F . -14.25 1.14 -4.36
C1 EDO G . -1.35 17.46 -13.57
O1 EDO G . -2.52 16.99 -14.22
C2 EDO G . -0.08 16.79 -13.99
O2 EDO G . 0.97 16.86 -13.03
H11 EDO G . -1.47 17.34 -12.61
H12 EDO G . -1.26 18.42 -13.75
HO1 EDO G . -3.20 17.39 -13.91
H21 EDO G . 0.23 17.20 -14.82
H22 EDO G . -0.27 15.85 -14.17
HO2 EDO G . 1.15 17.68 -12.88
C ACT H . -1.43 -6.13 -30.29
O ACT H . -0.31 -6.44 -29.84
OXT ACT H . -2.31 -5.58 -29.60
CH3 ACT H . -1.74 -6.40 -31.77
H1 ACT H . -1.06 -6.01 -32.33
H2 ACT H . -2.60 -6.01 -32.00
H3 ACT H . -1.78 -7.36 -31.93
C1 EDO I . 1.22 -11.71 -25.20
O1 EDO I . 1.95 -10.51 -25.03
C2 EDO I . 0.48 -11.83 -26.49
O2 EDO I . 1.31 -11.96 -27.63
H11 EDO I . 0.58 -11.80 -24.47
H12 EDO I . 1.85 -12.47 -25.14
HO1 EDO I . 2.37 -10.54 -24.30
H21 EDO I . -0.08 -11.04 -26.59
H22 EDO I . -0.11 -12.61 -26.44
HO2 EDO I . 0.82 -11.97 -28.33
C ACT J . -6.04 12.34 -15.33
O ACT J . -5.26 11.73 -16.09
OXT ACT J . -7.21 11.95 -15.04
CH3 ACT J . -5.52 13.64 -14.69
H1 ACT J . -5.32 14.29 -15.38
H2 ACT J . -4.70 13.46 -14.19
H3 ACT J . -6.19 14.00 -14.08
C ACT K . 18.09 16.34 -5.16
O ACT K . 19.23 16.06 -4.73
OXT ACT K . 17.20 16.85 -4.46
CH3 ACT K . 17.77 16.05 -6.64
H1 ACT K . 18.45 16.46 -7.20
H2 ACT K . 16.90 16.43 -6.87
H3 ACT K . 17.75 15.09 -6.80
C ACT L . 8.64 -0.52 -28.14
O ACT L . 8.07 -1.49 -28.69
OXT ACT L . 8.21 0.65 -28.13
CH3 ACT L . 9.98 -0.77 -27.45
H1 ACT L . 10.24 0.03 -26.95
C ACT M . -19.44 -14.21 1.78
O ACT M . -18.39 -14.08 2.46
OXT ACT M . -19.81 -15.30 1.30
CH3 ACT M . -20.30 -12.96 1.47
H1 ACT M . -20.49 -12.93 0.52
H2 ACT M . -19.81 -12.16 1.71
H3 ACT M . -21.13 -13.00 1.97
N SAH N . -5.08 5.03 -0.92
CA SAH N . -6.06 5.76 -0.13
CB SAH N . -7.28 6.29 -1.08
CG SAH N . -6.89 7.22 -2.25
SD SAH N . -8.24 8.02 -3.21
C SAH N . -6.49 4.82 1.11
O SAH N . -7.60 4.83 1.66
OXT SAH N . -5.47 4.02 1.54
C5' SAH N . -7.34 8.97 -4.61
C4' SAH N . -6.22 9.99 -4.37
O4' SAH N . -5.43 10.46 -5.51
C3' SAH N . -6.78 11.27 -3.68
O3' SAH N . -6.39 11.39 -2.30
C2' SAH N . -6.27 12.43 -4.58
O2' SAH N . -6.01 13.63 -3.85
C1' SAH N . -5.03 11.82 -5.26
N9 SAH N . -4.55 12.52 -6.48
C8 SAH N . -5.27 12.75 -7.64
N7 SAH N . -4.63 13.46 -8.53
C5 SAH N . -3.41 13.73 -7.96
C6 SAH N . -2.26 14.49 -8.40
N6 SAH N . -2.18 15.10 -9.61
N1 SAH N . -1.19 14.56 -7.56
C2 SAH N . -1.25 13.90 -6.39
N3 SAH N . -2.26 13.18 -5.87
C4 SAH N . -3.32 13.14 -6.69
H2 SAH N . -0.34 13.97 -5.78
HN1 SAH N . -5.32 4.98 -1.90
HN2 SAH N . -4.30 4.67 -0.37
HA SAH N . -5.63 6.67 0.32
HB1 SAH N . -7.82 5.43 -1.48
HB2 SAH N . -8.01 6.81 -0.46
HG1 SAH N . -6.25 8.02 -1.89
HG2 SAH N . -6.29 6.67 -2.97
H5'1 SAH N . -6.97 8.18 -5.26
H5'2 SAH N . -8.15 9.47 -5.15
H4' SAH N . -5.41 9.46 -3.87
H3' SAH N . -7.86 11.27 -3.68
HO3' SAH N . -6.98 12.08 -1.89
H2' SAH N . -7.01 12.69 -5.32
HO2' SAH N . -6.62 14.33 -4.21
H1' SAH N . -4.13 11.77 -4.63
H8 SAH N . -6.28 12.37 -7.79
HN61 SAH N . -2.94 15.07 -10.28
HN62 SAH N . -1.35 15.63 -9.88
C ACT O . -15.44 0.97 9.45
O ACT O . -15.04 1.81 10.28
OXT ACT O . -15.90 -0.15 9.78
CH3 ACT O . -15.35 1.33 7.96
ZN ZN P . 2.53 11.86 18.37
ZN ZN Q . 6.22 -6.17 36.32
C ACT R . -12.63 3.86 16.77
O ACT R . -12.99 3.01 17.67
OXT ACT R . -12.25 5.05 17.03
CH3 ACT R . -12.65 3.42 15.28
#